data_2QVB
#
_entry.id   2QVB
#
_cell.length_a   60.7
_cell.length_b   65.7
_cell.length_c   129.7
_cell.angle_alpha   90.0
_cell.angle_beta   90.0
_cell.angle_gamma   90.0
#
_symmetry.space_group_name_H-M   'P 21 21 21'
#
loop_
_entity.id
_entity.type
_entity.pdbx_description
1 polymer 'Haloalkane dehalogenase 3'
2 non-polymer 'CHLORIDE ION'
3 non-polymer 1,2-ETHANEDIOL
4 water water
#
_entity_poly.entity_id   1
_entity_poly.type   'polypeptide(L)'
_entity_poly.pdbx_seq_one_letter_code
;AFGVEPYGQPKYLEIAGKRMAYIDEGKGDAIVFQHGNPTSSYLWRNIMPHLEGLGRLVACDLIGMGASDKLSPSGPDRYS
YGEQRDFLFALWDALDLGDHVVLVLHDWGSALGFDWANQHRDRVQGIAFMEAIVTPMTWADWPPAVRGVFQGFRSPQGEP
MALEHNIFVERVLPGAILRQLSDEEMNHYRRPFVNGGEDRRPTLSWPRNLPIDGEPAEVVALVNEYRSWLEETDMPKLFI
NAEPGAIITGRIRDYVRSWPNQTEITVPGVHFVQEDSPEEIGAAIAQFVRRLRSAAG
;
_entity_poly.pdbx_strand_id   A,B
#
loop_
_chem_comp.id
_chem_comp.type
_chem_comp.name
_chem_comp.formula
CL non-polymer 'CHLORIDE ION' 'Cl -1'
EDO non-polymer 1,2-ETHANEDIOL 'C2 H6 O2'
#
# COMPACT_ATOMS: atom_id res chain seq x y z
C ALA A 1 -24.93 -7.97 19.01
N PHE A 2 -23.58 -7.96 18.88
CA PHE A 2 -22.67 -8.97 18.35
C PHE A 2 -22.70 -10.18 19.34
N GLY A 3 -23.30 -11.26 18.90
CA GLY A 3 -23.38 -12.45 19.72
C GLY A 3 -22.02 -13.01 20.04
N VAL A 4 -21.88 -13.53 21.26
CA VAL A 4 -20.63 -14.09 21.72
C VAL A 4 -20.56 -15.62 21.69
N GLU A 5 -21.74 -16.27 21.73
CA GLU A 5 -21.77 -17.76 21.77
C GLU A 5 -21.48 -18.36 20.44
N PRO A 6 -20.76 -19.48 20.43
CA PRO A 6 -20.57 -20.17 19.16
C PRO A 6 -21.91 -20.61 18.57
N TYR A 7 -21.96 -20.87 17.29
CA TYR A 7 -23.18 -21.33 16.62
C TYR A 7 -23.17 -22.90 16.74
N GLY A 8 -24.31 -23.51 16.90
CA GLY A 8 -24.39 -24.96 16.78
C GLY A 8 -23.70 -25.74 17.83
N GLN A 9 -23.60 -27.05 17.57
CA GLN A 9 -23.01 -27.99 18.56
C GLN A 9 -21.71 -28.61 17.93
N PRO A 10 -20.60 -28.58 18.60
CA PRO A 10 -19.40 -29.24 18.02
C PRO A 10 -19.55 -30.76 17.78
N LYS A 11 -19.12 -31.18 16.64
CA LYS A 11 -19.06 -32.55 16.18
C LYS A 11 -17.66 -32.89 15.73
N TYR A 12 -17.32 -34.20 15.77
CA TYR A 12 -15.94 -34.58 15.45
C TYR A 12 -15.92 -35.80 14.57
N LEU A 13 -14.95 -35.86 13.64
CA LEU A 13 -14.67 -37.10 12.89
C LEU A 13 -13.15 -37.27 12.92
N GLU A 14 -12.74 -38.53 12.93
CA GLU A 14 -11.32 -38.87 12.82
C GLU A 14 -10.90 -38.90 11.36
N ILE A 15 -9.99 -38.06 10.92
CA ILE A 15 -9.55 -37.90 9.58
C ILE A 15 -8.02 -38.04 9.58
N ALA A 16 -7.53 -39.02 8.88
CA ALA A 16 -6.11 -39.24 8.75
C ALA A 16 -5.32 -39.19 10.08
N GLY A 17 -5.95 -39.81 11.07
CA GLY A 17 -5.31 -39.99 12.35
C GLY A 17 -5.58 -38.92 13.37
N LYS A 18 -6.36 -37.89 13.02
CA LYS A 18 -6.55 -36.74 13.84
C LYS A 18 -8.05 -36.41 13.92
N ARG A 19 -8.47 -35.98 15.09
CA ARG A 19 -9.88 -35.54 15.23
C ARG A 19 -10.01 -34.16 14.69
N MET A 20 -10.98 -33.99 13.79
CA MET A 20 -11.37 -32.68 13.28
C MET A 20 -12.73 -32.32 13.73
N ALA A 21 -12.84 -31.10 14.10
CA ALA A 21 -14.06 -30.49 14.67
C ALA A 21 -14.82 -29.70 13.63
N TYR A 22 -16.16 -29.74 13.72
CA TYR A 22 -16.95 -28.99 12.78
C TYR A 22 -18.35 -28.79 13.37
N ILE A 23 -19.04 -27.86 12.74
CA ILE A 23 -20.48 -27.57 12.93
C ILE A 23 -21.26 -28.06 11.69
N ASP A 24 -22.41 -28.68 11.92
CA ASP A 24 -23.25 -29.23 10.81
C ASP A 24 -24.69 -29.16 11.32
N GLU A 25 -25.43 -28.17 10.83
CA GLU A 25 -26.81 -27.95 11.29
C GLU A 25 -27.73 -27.72 10.15
N GLY A 26 -28.90 -28.30 10.21
N GLY A 26 -28.94 -28.22 10.27
CA GLY A 26 -29.90 -28.05 9.19
CA GLY A 26 -29.92 -27.99 9.20
C GLY A 26 -29.98 -29.10 8.12
C GLY A 26 -29.95 -29.03 8.10
N LYS A 27 -30.92 -28.93 7.19
CA LYS A 27 -31.21 -29.91 6.10
C LYS A 27 -30.94 -29.27 4.81
N GLY A 28 -30.62 -30.06 3.80
CA GLY A 28 -30.60 -29.56 2.45
C GLY A 28 -29.24 -29.49 1.81
N ASP A 29 -29.19 -28.69 0.77
CA ASP A 29 -27.95 -28.46 0.01
C ASP A 29 -26.96 -27.75 0.95
N ALA A 30 -25.66 -28.08 0.83
CA ALA A 30 -24.69 -27.62 1.78
C ALA A 30 -24.35 -26.13 1.50
N ILE A 31 -24.21 -25.41 2.61
CA ILE A 31 -23.62 -24.04 2.64
C ILE A 31 -22.42 -24.17 3.59
N VAL A 32 -21.24 -24.07 3.02
CA VAL A 32 -20.01 -24.45 3.69
C VAL A 32 -19.20 -23.20 3.92
N PHE A 33 -18.95 -22.90 5.20
CA PHE A 33 -18.26 -21.67 5.67
C PHE A 33 -16.86 -22.07 6.08
N GLN A 34 -15.84 -21.47 5.48
CA GLN A 34 -14.41 -21.87 5.80
C GLN A 34 -13.62 -20.62 6.21
N HIS A 35 -13.19 -20.65 7.49
CA HIS A 35 -12.31 -19.68 8.12
C HIS A 35 -10.86 -19.86 7.63
N GLY A 36 -10.06 -18.86 8.00
CA GLY A 36 -8.59 -18.83 7.76
C GLY A 36 -7.84 -18.56 9.07
N ASN A 37 -6.77 -17.81 8.95
CA ASN A 37 -5.80 -17.66 10.05
C ASN A 37 -6.08 -16.36 10.84
N PRO A 38 -6.04 -16.31 12.17
CA PRO A 38 -5.89 -17.42 13.12
C PRO A 38 -7.20 -17.74 13.77
N THR A 39 -8.26 -17.96 12.93
CA THR A 39 -9.61 -18.06 13.43
C THR A 39 -10.06 -19.53 13.47
N SER A 40 -11.39 -19.74 13.50
CA SER A 40 -12.00 -21.05 13.54
C SER A 40 -13.42 -20.90 13.05
N SER A 41 -14.24 -21.90 13.15
CA SER A 41 -15.66 -21.75 12.84
C SER A 41 -16.34 -20.72 13.67
N TYR A 42 -15.80 -20.32 14.81
CA TYR A 42 -16.29 -19.24 15.65
C TYR A 42 -16.46 -17.94 14.84
N LEU A 43 -15.61 -17.72 13.82
CA LEU A 43 -15.70 -16.52 13.02
C LEU A 43 -17.06 -16.33 12.37
N TRP A 44 -17.76 -17.41 12.13
CA TRP A 44 -19.00 -17.37 11.37
C TRP A 44 -20.26 -17.36 12.26
N ARG A 45 -20.09 -17.28 13.58
CA ARG A 45 -21.18 -17.52 14.51
C ARG A 45 -22.33 -16.53 14.30
N ASN A 46 -22.08 -15.29 13.92
CA ASN A 46 -23.14 -14.28 13.73
C ASN A 46 -23.56 -14.20 12.26
N ILE A 47 -22.98 -14.97 11.40
CA ILE A 47 -23.32 -15.03 9.99
C ILE A 47 -24.23 -16.22 9.69
N MET A 48 -23.87 -17.39 10.20
CA MET A 48 -24.64 -18.61 9.97
C MET A 48 -26.13 -18.47 10.29
N PRO A 49 -26.56 -17.78 11.33
CA PRO A 49 -28.01 -17.71 11.62
C PRO A 49 -28.79 -17.17 10.49
N HIS A 50 -28.21 -16.32 9.65
CA HIS A 50 -28.96 -15.72 8.53
C HIS A 50 -29.30 -16.74 7.46
N LEU A 51 -28.62 -17.93 7.45
CA LEU A 51 -28.81 -18.94 6.41
C LEU A 51 -29.74 -20.08 6.94
N GLU A 52 -30.30 -19.95 8.12
CA GLU A 52 -31.19 -20.99 8.62
C GLU A 52 -32.40 -21.22 7.71
N GLY A 53 -32.67 -22.49 7.38
CA GLY A 53 -33.70 -22.82 6.39
C GLY A 53 -33.28 -22.73 4.98
N LEU A 54 -32.09 -22.23 4.64
CA LEU A 54 -31.67 -22.13 3.30
C LEU A 54 -30.75 -23.23 2.85
N GLY A 55 -30.31 -24.08 3.77
CA GLY A 55 -29.46 -25.18 3.51
C GLY A 55 -28.89 -25.82 4.76
N ARG A 56 -28.04 -26.81 4.56
CA ARG A 56 -27.29 -27.51 5.59
C ARG A 56 -26.02 -26.71 5.85
N LEU A 57 -25.92 -26.16 7.05
CA LEU A 57 -24.87 -25.17 7.39
C LEU A 57 -23.68 -25.89 8.01
N VAL A 58 -22.55 -25.85 7.32
CA VAL A 58 -21.36 -26.58 7.74
C VAL A 58 -20.23 -25.61 7.93
N ALA A 59 -19.50 -25.74 9.03
CA ALA A 59 -18.32 -24.89 9.27
C ALA A 59 -17.24 -25.72 10.01
N CYS A 60 -16.14 -26.00 9.32
CA CYS A 60 -15.11 -26.85 9.84
C CYS A 60 -13.99 -26.06 10.44
N ASP A 61 -13.31 -26.63 11.45
CA ASP A 61 -12.12 -26.10 12.04
C ASP A 61 -10.93 -26.75 11.38
N LEU A 62 -10.08 -25.97 10.74
CA LEU A 62 -8.85 -26.46 10.14
C LEU A 62 -8.00 -27.24 11.08
N ILE A 63 -7.23 -28.19 10.60
CA ILE A 63 -6.31 -28.96 11.47
C ILE A 63 -5.43 -27.95 12.24
N GLY A 64 -5.22 -28.29 13.50
CA GLY A 64 -4.45 -27.44 14.36
C GLY A 64 -5.11 -26.21 14.93
N MET A 65 -6.41 -25.99 14.52
CA MET A 65 -7.12 -24.76 14.78
C MET A 65 -8.47 -25.11 15.43
N GLY A 66 -9.03 -24.10 16.04
CA GLY A 66 -10.34 -24.34 16.66
C GLY A 66 -10.28 -25.52 17.61
N ALA A 67 -11.25 -26.41 17.55
CA ALA A 67 -11.30 -27.63 18.35
C ALA A 67 -10.75 -28.83 17.67
N SER A 68 -10.10 -28.64 16.53
CA SER A 68 -9.45 -29.73 15.86
C SER A 68 -8.10 -30.07 16.51
N ASP A 69 -7.64 -31.33 16.38
CA ASP A 69 -6.39 -31.77 16.95
C ASP A 69 -5.20 -31.01 16.43
N LYS A 70 -4.17 -30.98 17.28
CA LYS A 70 -2.84 -30.57 16.88
C LYS A 70 -2.08 -31.74 16.20
N LEU A 71 -1.30 -31.46 15.16
CA LEU A 71 -0.37 -32.42 14.64
C LEU A 71 0.78 -32.64 15.58
N SER A 72 1.30 -33.86 15.55
CA SER A 72 2.49 -34.22 16.40
C SER A 72 3.32 -35.22 15.72
N PRO A 73 4.62 -35.11 15.83
CA PRO A 73 5.33 -33.94 16.29
C PRO A 73 5.23 -32.73 15.33
N SER A 74 5.14 -31.58 15.89
CA SER A 74 4.95 -30.36 15.18
C SER A 74 6.27 -29.69 14.92
N GLY A 75 6.40 -28.92 13.86
CA GLY A 75 7.57 -28.18 13.52
C GLY A 75 7.39 -27.41 12.26
N PRO A 76 8.46 -26.87 11.73
CA PRO A 76 8.36 -25.97 10.59
C PRO A 76 7.90 -26.62 9.33
N ASP A 77 7.95 -27.94 9.20
CA ASP A 77 7.50 -28.66 8.03
C ASP A 77 6.01 -29.02 8.12
N ARG A 78 5.33 -28.70 9.19
CA ARG A 78 3.93 -29.09 9.35
C ARG A 78 3.00 -27.90 9.08
N TYR A 79 1.74 -28.22 8.78
CA TYR A 79 0.71 -27.22 8.53
C TYR A 79 0.94 -26.39 7.30
N SER A 80 1.65 -26.94 6.32
CA SER A 80 1.70 -26.30 4.99
C SER A 80 0.32 -26.24 4.37
N TYR A 81 0.16 -25.42 3.34
CA TYR A 81 -1.08 -25.42 2.58
C TYR A 81 -1.51 -26.83 2.20
N GLY A 82 -0.58 -27.60 1.65
CA GLY A 82 -0.88 -28.93 1.17
C GLY A 82 -1.36 -29.85 2.26
N GLU A 83 -0.73 -29.78 3.43
CA GLU A 83 -1.22 -30.59 4.55
C GLU A 83 -2.61 -30.19 5.04
N GLN A 84 -2.81 -28.88 5.15
CA GLN A 84 -4.14 -28.31 5.50
C GLN A 84 -5.20 -28.81 4.55
N ARG A 85 -4.86 -28.73 3.25
CA ARG A 85 -5.77 -29.24 2.20
C ARG A 85 -6.08 -30.72 2.35
N ASP A 86 -5.03 -31.53 2.59
CA ASP A 86 -5.21 -32.97 2.76
C ASP A 86 -6.30 -33.26 3.82
N PHE A 87 -6.15 -32.63 4.99
CA PHE A 87 -7.12 -32.87 6.08
C PHE A 87 -8.48 -32.32 5.69
N LEU A 88 -8.54 -31.05 5.26
CA LEU A 88 -9.86 -30.44 5.04
C LEU A 88 -10.62 -31.17 3.93
N PHE A 89 -9.96 -31.44 2.82
CA PHE A 89 -10.63 -32.09 1.71
C PHE A 89 -11.14 -33.49 2.14
N ALA A 90 -10.41 -34.22 2.97
CA ALA A 90 -10.84 -35.52 3.50
C ALA A 90 -12.07 -35.34 4.40
N LEU A 91 -12.10 -34.27 5.21
CA LEU A 91 -13.27 -34.03 6.07
C LEU A 91 -14.52 -33.70 5.24
N TRP A 92 -14.32 -32.83 4.23
CA TRP A 92 -15.43 -32.47 3.35
C TRP A 92 -15.94 -33.69 2.61
N ASP A 93 -15.06 -34.61 2.21
CA ASP A 93 -15.53 -35.85 1.57
C ASP A 93 -16.31 -36.65 2.54
N ALA A 94 -15.84 -36.82 3.76
CA ALA A 94 -16.54 -37.62 4.81
C ALA A 94 -17.90 -37.07 5.14
N LEU A 95 -18.15 -35.77 4.95
CA LEU A 95 -19.38 -35.17 5.31
C LEU A 95 -20.47 -35.34 4.26
N ASP A 96 -20.17 -35.79 3.07
CA ASP A 96 -21.18 -36.07 2.08
C ASP A 96 -22.02 -34.83 1.74
N LEU A 97 -21.30 -33.84 1.25
CA LEU A 97 -21.89 -32.53 1.04
C LEU A 97 -22.85 -32.43 -0.10
N GLY A 98 -22.80 -33.37 -1.03
CA GLY A 98 -23.67 -33.27 -2.21
C GLY A 98 -23.11 -32.44 -3.32
N ASP A 99 -24.01 -32.13 -4.28
CA ASP A 99 -23.60 -31.59 -5.58
C ASP A 99 -24.17 -30.22 -5.85
N HIS A 100 -24.62 -29.52 -4.82
CA HIS A 100 -25.16 -28.18 -4.98
C HIS A 100 -24.61 -27.23 -3.89
N VAL A 101 -23.31 -27.27 -3.69
CA VAL A 101 -22.66 -26.62 -2.62
C VAL A 101 -22.53 -25.11 -2.89
N VAL A 102 -22.81 -24.33 -1.84
CA VAL A 102 -22.46 -22.89 -1.84
C VAL A 102 -21.30 -22.75 -0.80
N LEU A 103 -20.22 -22.21 -1.30
CA LEU A 103 -19.07 -21.94 -0.41
C LEU A 103 -19.07 -20.53 0.04
N VAL A 104 -18.69 -20.30 1.32
CA VAL A 104 -18.63 -18.99 1.94
C VAL A 104 -17.24 -18.90 2.59
N LEU A 105 -16.37 -18.08 2.02
CA LEU A 105 -14.92 -18.20 2.19
C LEU A 105 -14.27 -16.93 2.72
N HIS A 106 -13.22 -17.08 3.53
CA HIS A 106 -12.43 -15.99 4.04
C HIS A 106 -10.95 -16.41 4.05
N ASP A 107 -10.01 -15.53 3.70
CA ASP A 107 -8.55 -15.68 4.01
C ASP A 107 -8.01 -17.00 3.44
N TRP A 108 -7.28 -17.77 4.21
CA TRP A 108 -6.84 -19.09 3.74
C TRP A 108 -8.01 -20.02 3.45
N GLY A 109 -9.15 -19.85 4.08
CA GLY A 109 -10.33 -20.58 3.70
C GLY A 109 -10.71 -20.37 2.27
N SER A 110 -10.44 -19.20 1.73
CA SER A 110 -10.69 -18.97 0.32
C SER A 110 -9.74 -19.68 -0.61
N ALA A 111 -8.43 -19.73 -0.28
CA ALA A 111 -7.56 -20.52 -1.11
C ALA A 111 -8.04 -22.00 -1.14
N LEU A 112 -8.33 -22.56 0.06
CA LEU A 112 -8.72 -23.95 0.14
C LEU A 112 -10.05 -24.14 -0.62
N GLY A 113 -11.00 -23.26 -0.40
CA GLY A 113 -12.30 -23.44 -1.06
C GLY A 113 -12.30 -23.17 -2.57
N PHE A 114 -11.55 -22.19 -3.03
CA PHE A 114 -11.41 -21.96 -4.46
C PHE A 114 -10.71 -23.15 -5.13
N ASP A 115 -9.68 -23.71 -4.49
CA ASP A 115 -9.02 -24.90 -4.99
C ASP A 115 -10.05 -26.04 -5.03
N TRP A 116 -10.79 -26.28 -3.96
CA TRP A 116 -11.77 -27.36 -3.97
C TRP A 116 -12.78 -27.19 -5.08
N ALA A 117 -13.32 -25.96 -5.23
CA ALA A 117 -14.30 -25.71 -6.28
C ALA A 117 -13.75 -25.92 -7.63
N ASN A 118 -12.52 -25.48 -7.90
CA ASN A 118 -11.84 -25.72 -9.15
C ASN A 118 -11.69 -27.18 -9.44
N GLN A 119 -11.52 -28.03 -8.40
CA GLN A 119 -11.38 -29.43 -8.58
C GLN A 119 -12.69 -30.21 -8.62
N HIS A 120 -13.79 -29.56 -8.27
CA HIS A 120 -15.13 -30.15 -8.16
C HIS A 120 -16.15 -29.17 -8.77
N ARG A 121 -15.89 -28.71 -9.99
CA ARG A 121 -16.71 -27.64 -10.49
C ARG A 121 -18.17 -27.97 -10.64
N ASP A 122 -18.44 -29.21 -10.93
CA ASP A 122 -19.83 -29.66 -11.12
C ASP A 122 -20.55 -29.84 -9.82
N ARG A 123 -19.89 -29.64 -8.69
CA ARG A 123 -20.58 -29.80 -7.40
C ARG A 123 -20.88 -28.47 -6.68
N VAL A 124 -20.42 -27.37 -7.25
CA VAL A 124 -20.50 -26.06 -6.63
C VAL A 124 -21.51 -25.18 -7.39
N GLN A 125 -22.46 -24.68 -6.67
CA GLN A 125 -23.55 -23.80 -7.18
C GLN A 125 -23.22 -22.35 -7.16
N GLY A 126 -22.39 -21.90 -6.22
CA GLY A 126 -22.02 -20.51 -6.05
C GLY A 126 -20.97 -20.34 -5.00
N ILE A 127 -20.25 -19.24 -5.06
CA ILE A 127 -19.24 -18.89 -4.08
C ILE A 127 -19.36 -17.48 -3.61
N ALA A 128 -19.48 -17.31 -2.28
CA ALA A 128 -19.37 -16.03 -1.60
C ALA A 128 -18.01 -15.93 -0.96
N PHE A 129 -17.36 -14.80 -1.09
CA PHE A 129 -15.98 -14.69 -0.55
C PHE A 129 -15.74 -13.27 -0.13
N MET A 130 -14.78 -13.09 0.79
CA MET A 130 -14.47 -11.81 1.37
C MET A 130 -13.02 -11.86 1.85
N GLU A 131 -12.26 -10.79 1.58
CA GLU A 131 -10.91 -10.70 2.16
C GLU A 131 -10.14 -11.98 1.88
N ALA A 132 -10.11 -12.35 0.59
CA ALA A 132 -9.72 -13.63 0.06
C ALA A 132 -8.38 -13.56 -0.70
N ILE A 133 -7.77 -14.73 -0.86
CA ILE A 133 -6.54 -14.86 -1.62
C ILE A 133 -6.92 -15.21 -3.05
N VAL A 134 -6.75 -14.24 -3.95
CA VAL A 134 -7.27 -14.32 -5.30
C VAL A 134 -6.20 -14.21 -6.40
N THR A 135 -4.98 -13.80 -6.04
CA THR A 135 -3.94 -13.59 -6.97
C THR A 135 -2.62 -13.57 -6.25
N PRO A 136 -1.50 -13.95 -6.92
CA PRO A 136 -0.23 -13.74 -6.32
C PRO A 136 -0.04 -12.27 -6.01
N MET A 137 0.65 -11.91 -4.92
CA MET A 137 0.78 -10.58 -4.43
C MET A 137 2.20 -10.09 -4.43
N THR A 138 2.35 -8.78 -4.28
CA THR A 138 3.61 -8.14 -3.90
C THR A 138 3.40 -7.47 -2.59
N TRP A 139 4.50 -7.06 -1.92
CA TRP A 139 4.35 -6.33 -0.65
C TRP A 139 3.52 -5.05 -0.78
N ALA A 140 3.54 -4.42 -1.96
CA ALA A 140 2.72 -3.25 -2.20
C ALA A 140 1.21 -3.53 -2.06
N ASP A 141 0.81 -4.75 -2.34
CA ASP A 141 -0.58 -5.14 -2.17
C ASP A 141 -1.00 -5.37 -0.72
N TRP A 142 -0.02 -5.56 0.14
CA TRP A 142 -0.20 -5.92 1.51
C TRP A 142 -0.41 -4.65 2.33
N PRO A 143 -1.28 -4.72 3.36
CA PRO A 143 -1.51 -3.53 4.19
C PRO A 143 -0.23 -3.01 4.74
N PRO A 144 0.02 -1.72 4.57
CA PRO A 144 1.26 -1.13 5.12
C PRO A 144 1.53 -1.38 6.58
N ALA A 145 0.49 -1.36 7.38
CA ALA A 145 0.67 -1.45 8.81
C ALA A 145 1.30 -2.76 9.23
N VAL A 146 1.18 -3.84 8.45
CA VAL A 146 1.61 -5.12 8.86
C VAL A 146 2.63 -5.75 7.88
N ARG A 147 3.27 -4.96 7.00
CA ARG A 147 4.35 -5.47 6.17
C ARG A 147 5.48 -6.00 7.00
N GLY A 148 5.97 -5.25 7.98
CA GLY A 148 7.08 -5.70 8.81
C GLY A 148 6.81 -6.94 9.58
N VAL A 149 5.65 -7.00 10.20
CA VAL A 149 5.23 -8.20 10.93
C VAL A 149 5.18 -9.44 10.08
N PHE A 150 4.57 -9.34 8.89
CA PHE A 150 4.51 -10.49 8.04
C PHE A 150 5.86 -10.91 7.46
N GLN A 151 6.73 -9.92 7.16
CA GLN A 151 8.08 -10.28 6.79
C GLN A 151 8.81 -11.04 7.93
N GLY A 152 8.53 -10.56 9.14
CA GLY A 152 9.08 -11.21 10.34
C GLY A 152 8.64 -12.65 10.46
N PHE A 153 7.36 -12.89 10.26
CA PHE A 153 6.90 -14.27 10.29
C PHE A 153 7.61 -15.09 9.28
N ARG A 154 7.88 -14.53 8.08
CA ARG A 154 8.54 -15.19 6.99
C ARG A 154 10.10 -15.04 7.11
N SER A 155 10.58 -15.35 8.24
CA SER A 155 12.02 -15.33 8.58
C SER A 155 12.18 -16.15 9.84
N PRO A 156 13.43 -16.36 10.31
CA PRO A 156 13.71 -17.07 11.53
C PRO A 156 13.14 -16.41 12.74
N GLN A 157 12.79 -15.12 12.71
CA GLN A 157 12.09 -14.51 13.83
C GLN A 157 10.66 -15.03 14.01
N GLY A 158 10.17 -15.70 12.99
CA GLY A 158 8.75 -16.15 13.07
C GLY A 158 8.46 -17.05 14.22
N GLU A 159 9.38 -17.97 14.53
CA GLU A 159 9.12 -18.91 15.68
C GLU A 159 8.90 -18.13 16.97
N PRO A 160 9.80 -17.26 17.43
CA PRO A 160 9.49 -16.61 18.68
C PRO A 160 8.20 -15.75 18.54
N MET A 161 8.01 -15.04 17.40
CA MET A 161 6.85 -14.23 17.24
C MET A 161 5.53 -14.96 17.48
N ALA A 162 5.41 -16.09 16.82
CA ALA A 162 4.15 -16.86 16.87
C ALA A 162 4.14 -17.79 18.06
N LEU A 163 5.16 -18.63 18.23
CA LEU A 163 5.17 -19.72 19.22
C LEU A 163 5.28 -19.16 20.64
N GLU A 164 6.15 -18.20 20.81
CA GLU A 164 6.33 -17.64 22.15
C GLU A 164 5.41 -16.47 22.47
N HIS A 165 5.29 -15.51 21.54
CA HIS A 165 4.54 -14.31 21.78
C HIS A 165 3.14 -14.26 21.24
N ASN A 166 2.80 -15.25 20.45
CA ASN A 166 1.42 -15.38 19.92
C ASN A 166 0.97 -14.14 19.17
N ILE A 167 1.84 -13.54 18.41
CA ILE A 167 1.58 -12.24 17.79
C ILE A 167 0.39 -12.27 16.80
N PHE A 168 0.17 -13.44 16.10
CA PHE A 168 -0.92 -13.44 15.13
C PHE A 168 -2.26 -13.26 15.88
N VAL A 169 -2.45 -13.98 16.99
CA VAL A 169 -3.65 -13.91 17.76
C VAL A 169 -3.78 -12.58 18.50
N GLU A 170 -2.69 -12.17 19.17
CA GLU A 170 -2.74 -11.04 20.07
C GLU A 170 -2.69 -9.68 19.40
N ARG A 171 -2.03 -9.63 18.22
CA ARG A 171 -1.79 -8.36 17.56
C ARG A 171 -2.49 -8.28 16.19
N VAL A 172 -2.26 -9.24 15.33
CA VAL A 172 -2.78 -9.14 13.97
C VAL A 172 -4.33 -9.21 13.97
N LEU A 173 -4.90 -10.09 14.73
CA LEU A 173 -6.34 -10.28 14.75
C LEU A 173 -7.05 -9.01 15.21
N PRO A 174 -6.76 -8.47 16.43
CA PRO A 174 -7.44 -7.24 16.81
C PRO A 174 -7.09 -6.02 15.98
N GLY A 175 -5.92 -6.00 15.40
CA GLY A 175 -5.49 -4.94 14.61
C GLY A 175 -6.24 -4.81 13.32
N ALA A 176 -6.94 -5.86 12.91
CA ALA A 176 -7.69 -5.87 11.64
C ALA A 176 -9.19 -6.09 11.84
N ILE A 177 -9.61 -5.61 12.96
CA ILE A 177 -11.04 -5.44 13.34
C ILE A 177 -11.23 -3.97 13.76
N LEU A 178 -12.26 -3.32 13.22
CA LEU A 178 -12.52 -1.91 13.58
C LEU A 178 -13.04 -1.75 15.01
N ARG A 179 -14.00 -2.57 15.45
CA ARG A 179 -14.50 -2.54 16.81
C ARG A 179 -13.50 -3.22 17.72
N GLN A 180 -13.74 -3.09 19.01
CA GLN A 180 -12.98 -3.82 20.02
C GLN A 180 -13.80 -5.06 20.39
N LEU A 181 -13.25 -6.26 20.23
CA LEU A 181 -13.91 -7.44 20.66
C LEU A 181 -14.13 -7.38 22.19
N SER A 182 -15.19 -8.03 22.68
CA SER A 182 -15.32 -8.23 24.11
C SER A 182 -14.29 -9.26 24.57
N ASP A 183 -13.99 -9.25 25.88
CA ASP A 183 -13.06 -10.21 26.43
C ASP A 183 -13.48 -11.63 26.08
N GLU A 184 -14.79 -11.92 26.23
CA GLU A 184 -15.31 -13.23 26.01
C GLU A 184 -14.99 -13.67 24.58
N GLU A 185 -15.24 -12.77 23.61
CA GLU A 185 -15.01 -13.08 22.20
C GLU A 185 -13.51 -13.33 21.92
N MET A 186 -12.68 -12.43 22.46
CA MET A 186 -11.26 -12.66 22.34
C MET A 186 -10.77 -13.95 22.93
N ASN A 187 -11.38 -14.32 24.07
CA ASN A 187 -10.99 -15.53 24.70
C ASN A 187 -11.44 -16.78 23.91
N HIS A 188 -12.51 -16.74 23.11
CA HIS A 188 -12.81 -17.81 22.20
C HIS A 188 -11.72 -17.89 21.14
N TYR A 189 -11.25 -16.81 20.58
CA TYR A 189 -10.17 -16.87 19.61
C TYR A 189 -8.82 -17.34 20.21
N ARG A 190 -8.57 -17.01 21.50
CA ARG A 190 -7.35 -17.43 22.12
C ARG A 190 -7.35 -18.94 22.43
N ARG A 191 -8.53 -19.53 22.62
CA ARG A 191 -8.66 -20.88 23.20
C ARG A 191 -7.75 -21.91 22.57
N PRO A 192 -7.65 -22.02 21.22
CA PRO A 192 -6.81 -23.05 20.64
C PRO A 192 -5.33 -22.88 20.81
N PHE A 193 -4.96 -21.72 21.30
CA PHE A 193 -3.55 -21.25 21.25
C PHE A 193 -3.06 -20.86 22.64
N VAL A 194 -3.75 -21.24 23.70
CA VAL A 194 -3.28 -20.87 25.04
C VAL A 194 -1.92 -21.39 25.35
N ASN A 195 -1.57 -22.57 24.88
CA ASN A 195 -0.23 -23.13 25.20
C ASN A 195 0.86 -22.52 24.29
N GLY A 196 1.85 -21.88 24.93
CA GLY A 196 3.05 -21.52 24.13
C GLY A 196 3.70 -22.71 23.49
N GLY A 197 4.36 -22.47 22.40
CA GLY A 197 5.02 -23.52 21.72
C GLY A 197 4.32 -23.95 20.48
N GLU A 198 4.47 -25.24 20.10
CA GLU A 198 3.98 -25.75 18.82
C GLU A 198 2.48 -25.73 18.65
N ASP A 199 1.70 -25.61 19.72
CA ASP A 199 0.25 -25.45 19.49
C ASP A 199 -0.06 -24.23 18.61
N ARG A 200 0.83 -23.24 18.57
CA ARG A 200 0.65 -21.99 17.75
C ARG A 200 1.25 -22.17 16.35
N ARG A 201 1.82 -23.32 15.99
CA ARG A 201 2.46 -23.47 14.68
C ARG A 201 1.55 -23.08 13.51
N PRO A 202 0.26 -23.48 13.49
CA PRO A 202 -0.51 -23.11 12.28
C PRO A 202 -0.53 -21.66 12.02
N THR A 203 -0.47 -20.82 13.09
CA THR A 203 -0.55 -19.42 12.92
C THR A 203 0.71 -18.84 12.27
N LEU A 204 1.83 -19.61 12.30
CA LEU A 204 3.10 -19.25 11.67
C LEU A 204 3.19 -19.87 10.29
N SER A 205 2.84 -21.16 10.15
CA SER A 205 2.93 -21.81 8.87
C SER A 205 2.04 -21.06 7.83
N TRP A 206 0.87 -20.57 8.25
CA TRP A 206 0.01 -19.87 7.28
C TRP A 206 0.67 -18.68 6.61
N PRO A 207 1.22 -17.73 7.40
CA PRO A 207 1.81 -16.57 6.69
C PRO A 207 3.00 -16.95 5.84
N ARG A 208 3.74 -17.98 6.21
CA ARG A 208 4.81 -18.46 5.41
C ARG A 208 4.33 -19.07 4.08
N ASN A 209 3.04 -19.36 3.96
CA ASN A 209 2.50 -19.87 2.67
C ASN A 209 1.95 -18.77 1.78
N LEU A 210 1.82 -17.51 2.27
CA LEU A 210 1.22 -16.48 1.44
C LEU A 210 2.01 -16.30 0.18
N PRO A 211 1.33 -16.14 -0.96
CA PRO A 211 2.06 -15.98 -2.24
C PRO A 211 2.47 -14.55 -2.45
N ILE A 212 3.69 -14.18 -2.01
CA ILE A 212 4.17 -12.82 -2.00
C ILE A 212 5.50 -12.77 -2.71
N ASP A 213 5.61 -11.90 -3.66
CA ASP A 213 6.83 -11.72 -4.49
C ASP A 213 7.35 -13.04 -5.00
N GLY A 214 6.46 -13.92 -5.45
CA GLY A 214 6.83 -15.11 -6.10
C GLY A 214 7.08 -16.34 -5.27
N GLU A 215 6.95 -16.22 -3.93
CA GLU A 215 7.30 -17.31 -3.06
C GLU A 215 6.21 -17.47 -2.02
N PRO A 216 5.93 -18.71 -1.61
CA PRO A 216 6.53 -19.98 -2.15
C PRO A 216 5.95 -20.28 -3.52
N ALA A 217 6.75 -20.80 -4.40
CA ALA A 217 6.36 -21.03 -5.75
C ALA A 217 5.18 -21.96 -5.89
N GLU A 218 5.01 -22.97 -5.05
CA GLU A 218 3.89 -23.92 -5.23
C GLU A 218 2.57 -23.26 -4.90
N VAL A 219 2.57 -22.26 -4.03
CA VAL A 219 1.26 -21.61 -3.66
C VAL A 219 0.99 -20.54 -4.72
N VAL A 220 2.00 -19.91 -5.26
CA VAL A 220 1.79 -19.01 -6.37
C VAL A 220 1.16 -19.77 -7.53
N ALA A 221 1.68 -20.99 -7.82
CA ALA A 221 1.16 -21.83 -8.90
C ALA A 221 -0.27 -22.19 -8.61
N LEU A 222 -0.64 -22.57 -7.42
CA LEU A 222 -1.99 -22.96 -7.06
C LEU A 222 -2.95 -21.85 -7.28
N VAL A 223 -2.63 -20.69 -6.83
CA VAL A 223 -3.48 -19.52 -6.97
C VAL A 223 -3.64 -19.11 -8.40
N ASN A 224 -2.53 -19.14 -9.16
CA ASN A 224 -2.65 -18.88 -10.62
C ASN A 224 -3.58 -19.88 -11.29
N GLU A 225 -3.61 -21.15 -10.85
CA GLU A 225 -4.48 -22.10 -11.52
C GLU A 225 -5.94 -21.79 -11.18
N TYR A 226 -6.28 -21.65 -9.92
CA TYR A 226 -7.69 -21.44 -9.58
C TYR A 226 -8.19 -20.11 -10.02
N ARG A 227 -7.35 -19.09 -10.07
CA ARG A 227 -7.87 -17.77 -10.45
C ARG A 227 -8.13 -17.70 -11.93
N SER A 228 -7.43 -18.50 -12.70
CA SER A 228 -7.70 -18.56 -14.18
C SER A 228 -9.07 -19.10 -14.44
N TRP A 229 -9.52 -20.04 -13.63
CA TRP A 229 -10.88 -20.55 -13.68
C TRP A 229 -11.84 -19.49 -13.17
N LEU A 230 -11.61 -18.86 -12.01
CA LEU A 230 -12.56 -17.85 -11.47
C LEU A 230 -12.80 -16.73 -12.46
N GLU A 231 -11.79 -16.31 -13.17
CA GLU A 231 -11.96 -15.25 -14.19
C GLU A 231 -12.83 -15.56 -15.28
N GLU A 232 -12.96 -16.84 -15.63
CA GLU A 232 -13.73 -17.16 -16.85
C GLU A 232 -15.02 -17.90 -16.55
N THR A 233 -15.20 -18.37 -15.35
CA THR A 233 -16.34 -19.18 -15.13
C THR A 233 -17.61 -18.33 -14.97
N ASP A 234 -18.72 -18.87 -15.47
CA ASP A 234 -20.02 -18.26 -15.24
C ASP A 234 -20.66 -18.70 -13.93
N MET A 235 -19.94 -19.44 -13.12
CA MET A 235 -20.45 -19.79 -11.80
C MET A 235 -20.81 -18.51 -11.07
N PRO A 236 -22.01 -18.48 -10.43
CA PRO A 236 -22.34 -17.26 -9.64
C PRO A 236 -21.41 -17.00 -8.50
N LYS A 237 -21.13 -15.70 -8.26
CA LYS A 237 -20.23 -15.26 -7.25
C LYS A 237 -20.83 -14.13 -6.45
N LEU A 238 -20.52 -14.06 -5.16
CA LEU A 238 -20.84 -12.94 -4.30
C LEU A 238 -19.51 -12.41 -3.70
N PHE A 239 -19.10 -11.27 -4.17
CA PHE A 239 -17.90 -10.59 -3.69
C PHE A 239 -18.26 -9.60 -2.63
N ILE A 240 -17.86 -9.87 -1.39
CA ILE A 240 -18.03 -8.97 -0.29
C ILE A 240 -16.76 -8.13 -0.12
N ASN A 241 -16.78 -6.95 -0.59
CA ASN A 241 -15.69 -6.00 -0.50
C ASN A 241 -15.76 -5.27 0.82
N ALA A 242 -14.61 -4.91 1.38
CA ALA A 242 -14.53 -4.22 2.66
C ALA A 242 -13.84 -2.87 2.46
N GLU A 243 -14.29 -1.87 3.24
CA GLU A 243 -13.66 -0.58 3.27
C GLU A 243 -13.30 -0.25 4.71
N PRO A 244 -12.00 0.00 4.98
CA PRO A 244 -10.91 0.10 4.02
C PRO A 244 -10.40 -1.22 3.43
N GLY A 245 -10.74 -2.35 4.01
CA GLY A 245 -10.24 -3.63 3.58
C GLY A 245 -8.77 -3.78 3.91
N ALA A 246 -8.21 -4.87 3.46
CA ALA A 246 -6.86 -5.25 3.82
C ALA A 246 -6.15 -5.92 2.68
N ILE A 247 -6.55 -7.15 2.37
CA ILE A 247 -5.88 -7.88 1.32
C ILE A 247 -6.57 -7.77 -0.02
N ILE A 248 -7.84 -7.33 -0.11
CA ILE A 248 -8.51 -6.98 -1.36
C ILE A 248 -8.75 -5.47 -1.34
N THR A 249 -7.79 -4.76 -1.93
CA THR A 249 -7.79 -3.34 -2.03
C THR A 249 -7.11 -2.99 -3.36
N GLY A 250 -7.11 -1.72 -3.75
CA GLY A 250 -6.29 -1.32 -4.92
C GLY A 250 -6.46 -2.14 -6.14
N ARG A 251 -5.36 -2.50 -6.75
CA ARG A 251 -5.42 -3.27 -7.98
C ARG A 251 -6.06 -4.62 -7.81
N ILE A 252 -5.93 -5.23 -6.63
CA ILE A 252 -6.57 -6.55 -6.46
C ILE A 252 -8.09 -6.43 -6.39
N ARG A 253 -8.58 -5.38 -5.77
CA ARG A 253 -9.99 -5.09 -5.79
C ARG A 253 -10.48 -4.86 -7.24
N ASP A 254 -9.72 -4.11 -8.04
CA ASP A 254 -10.10 -3.89 -9.43
C ASP A 254 -10.17 -5.22 -10.20
N TYR A 255 -9.17 -6.11 -9.99
CA TYR A 255 -9.14 -7.39 -10.59
C TYR A 255 -10.35 -8.24 -10.24
N VAL A 256 -10.67 -8.36 -8.96
CA VAL A 256 -11.80 -9.14 -8.55
C VAL A 256 -13.08 -8.59 -9.14
N ARG A 257 -13.22 -7.27 -9.17
CA ARG A 257 -14.41 -6.63 -9.73
C ARG A 257 -14.64 -6.97 -11.18
N SER A 258 -13.60 -7.41 -11.90
CA SER A 258 -13.72 -7.81 -13.33
C SER A 258 -14.31 -9.16 -13.49
N TRP A 259 -14.53 -9.97 -12.44
CA TRP A 259 -14.91 -11.35 -12.63
C TRP A 259 -16.39 -11.46 -13.03
N PRO A 260 -16.75 -12.48 -13.83
CA PRO A 260 -18.12 -12.56 -14.33
C PRO A 260 -19.17 -12.98 -13.31
N ASN A 261 -20.41 -12.67 -13.61
CA ASN A 261 -21.58 -13.23 -12.94
C ASN A 261 -21.43 -13.00 -11.43
N GLN A 262 -21.14 -11.77 -11.06
CA GLN A 262 -20.75 -11.46 -9.68
C GLN A 262 -21.61 -10.38 -9.06
N THR A 263 -22.23 -10.66 -7.94
CA THR A 263 -22.94 -9.74 -7.11
C THR A 263 -21.91 -9.14 -6.13
N GLU A 264 -21.93 -7.83 -5.95
CA GLU A 264 -21.01 -7.15 -5.06
C GLU A 264 -21.75 -6.38 -3.93
N ILE A 265 -21.11 -6.39 -2.75
CA ILE A 265 -21.44 -5.49 -1.68
C ILE A 265 -20.12 -4.86 -1.21
N THR A 266 -20.25 -3.73 -0.56
CA THR A 266 -19.12 -3.12 0.17
C THR A 266 -19.59 -2.78 1.54
N VAL A 267 -18.89 -3.32 2.54
CA VAL A 267 -19.23 -3.09 3.95
C VAL A 267 -18.04 -2.56 4.70
N PRO A 268 -18.25 -1.96 5.89
CA PRO A 268 -17.12 -1.57 6.73
C PRO A 268 -16.33 -2.75 7.21
N GLY A 269 -14.98 -2.65 7.18
CA GLY A 269 -14.18 -3.67 7.79
C GLY A 269 -12.77 -3.52 7.26
N VAL A 270 -11.84 -4.24 7.93
CA VAL A 270 -10.41 -4.28 7.58
C VAL A 270 -10.20 -5.63 6.99
N HIS A 271 -9.81 -6.62 7.79
CA HIS A 271 -9.61 -8.01 7.34
C HIS A 271 -10.70 -8.95 7.90
N PHE A 272 -10.90 -8.97 9.21
CA PHE A 272 -11.85 -9.90 9.85
C PHE A 272 -13.24 -9.20 9.82
N VAL A 273 -13.78 -9.05 8.63
CA VAL A 273 -14.94 -8.24 8.36
C VAL A 273 -16.19 -8.78 9.04
N GLN A 274 -16.21 -10.11 9.27
CA GLN A 274 -17.28 -10.71 10.01
C GLN A 274 -17.52 -10.12 11.37
N GLU A 275 -16.44 -9.59 11.96
CA GLU A 275 -16.53 -8.94 13.28
C GLU A 275 -17.02 -7.50 13.23
N ASP A 276 -17.07 -6.90 12.09
CA ASP A 276 -17.56 -5.55 11.99
C ASP A 276 -18.89 -5.39 11.30
N SER A 277 -19.22 -6.25 10.32
CA SER A 277 -20.41 -6.14 9.52
C SER A 277 -21.16 -7.43 9.38
N PRO A 278 -21.38 -8.16 10.47
CA PRO A 278 -22.01 -9.47 10.28
C PRO A 278 -23.43 -9.41 9.76
N GLU A 279 -24.19 -8.38 10.10
CA GLU A 279 -25.57 -8.32 9.64
C GLU A 279 -25.61 -8.12 8.11
N GLU A 280 -24.79 -7.20 7.60
CA GLU A 280 -24.74 -6.94 6.18
C GLU A 280 -24.28 -8.16 5.44
N ILE A 281 -23.27 -8.82 5.97
CA ILE A 281 -22.71 -9.97 5.33
C ILE A 281 -23.67 -11.14 5.33
N GLY A 282 -24.27 -11.46 6.46
CA GLY A 282 -25.20 -12.52 6.51
C GLY A 282 -26.42 -12.30 5.63
N ALA A 283 -26.94 -11.06 5.62
CA ALA A 283 -28.08 -10.73 4.72
C ALA A 283 -27.72 -10.92 3.27
N ALA A 284 -26.54 -10.51 2.86
CA ALA A 284 -26.09 -10.61 1.49
C ALA A 284 -25.99 -12.06 1.11
N ILE A 285 -25.40 -12.90 1.96
CA ILE A 285 -25.29 -14.30 1.65
C ILE A 285 -26.67 -14.94 1.51
N ALA A 286 -27.58 -14.66 2.44
CA ALA A 286 -28.94 -15.18 2.39
C ALA A 286 -29.62 -14.77 1.08
N GLN A 287 -29.47 -13.50 0.70
CA GLN A 287 -30.09 -13.00 -0.54
C GLN A 287 -29.52 -13.75 -1.74
N PHE A 288 -28.22 -13.96 -1.79
CA PHE A 288 -27.56 -14.66 -2.86
C PHE A 288 -28.07 -16.09 -2.96
N VAL A 289 -28.11 -16.82 -1.80
CA VAL A 289 -28.60 -18.14 -1.82
C VAL A 289 -30.08 -18.23 -2.22
N ARG A 290 -30.91 -17.32 -1.75
CA ARG A 290 -32.32 -17.34 -2.22
C ARG A 290 -32.42 -17.17 -3.74
N ARG A 291 -31.59 -16.32 -4.33
CA ARG A 291 -31.57 -16.18 -5.82
C ARG A 291 -31.12 -17.47 -6.46
N LEU A 292 -30.11 -18.11 -5.93
CA LEU A 292 -29.71 -19.41 -6.49
C LEU A 292 -30.77 -20.44 -6.40
N ARG A 293 -31.43 -20.57 -5.28
CA ARG A 293 -32.60 -21.48 -5.17
C ARG A 293 -33.74 -21.15 -6.13
N SER A 294 -34.11 -19.88 -6.29
CA SER A 294 -35.11 -19.48 -7.25
C SER A 294 -34.77 -19.92 -8.65
N ALA A 295 -33.57 -19.57 -9.08
CA ALA A 295 -33.08 -19.86 -10.43
C ALA A 295 -33.04 -21.38 -10.69
N ALA A 296 -32.81 -22.19 -9.65
CA ALA A 296 -32.83 -23.67 -9.71
C ALA A 296 -34.27 -24.24 -9.70
N GLY A 297 -35.30 -23.38 -9.64
CA GLY A 297 -36.68 -23.86 -9.65
C GLY A 297 -37.10 -24.37 -8.28
N ALA B 1 -3.63 27.85 8.20
CA ALA B 1 -2.96 27.70 6.89
C ALA B 1 -1.52 27.16 6.97
N PHE B 2 -0.74 27.51 8.00
CA PHE B 2 0.64 26.96 8.10
C PHE B 2 0.60 25.95 9.25
N GLY B 3 -0.11 24.87 8.98
CA GLY B 3 -0.19 23.79 9.93
C GLY B 3 1.17 23.13 10.09
N VAL B 4 1.39 22.57 11.26
CA VAL B 4 2.65 21.94 11.59
C VAL B 4 2.63 20.43 11.40
N GLU B 5 1.48 19.74 11.39
CA GLU B 5 1.51 18.27 11.29
C GLU B 5 1.71 17.84 9.90
N PRO B 6 2.36 16.71 9.73
CA PRO B 6 2.41 16.07 8.45
C PRO B 6 0.99 15.73 7.95
N TYR B 7 0.84 15.63 6.66
CA TYR B 7 -0.42 15.12 6.07
C TYR B 7 -0.36 13.57 6.17
N GLY B 8 -1.44 12.91 6.42
CA GLY B 8 -1.17 11.44 6.69
C GLY B 8 -0.14 11.06 7.83
N GLN B 9 0.29 9.82 7.78
CA GLN B 9 1.38 9.08 8.53
C GLN B 9 2.13 8.17 7.54
N PRO B 10 3.43 8.01 7.76
CA PRO B 10 4.21 7.31 6.84
C PRO B 10 3.81 5.85 6.67
N LYS B 11 3.88 5.42 5.46
CA LYS B 11 3.83 4.06 5.00
C LYS B 11 5.21 3.71 4.50
N TYR B 12 5.54 2.42 4.51
CA TYR B 12 6.90 1.97 4.14
C TYR B 12 6.86 0.80 3.18
N LEU B 13 7.80 0.81 2.23
CA LEU B 13 8.00 -0.34 1.32
C LEU B 13 9.52 -0.54 1.16
N GLU B 14 9.94 -1.78 1.19
CA GLU B 14 11.32 -2.18 0.90
C GLU B 14 11.53 -2.19 -0.62
N ILE B 15 12.48 -1.38 -1.06
CA ILE B 15 12.84 -1.20 -2.48
C ILE B 15 14.34 -1.41 -2.57
N ALA B 16 14.76 -2.46 -3.25
CA ALA B 16 16.14 -2.73 -3.48
C ALA B 16 17.06 -2.64 -2.26
N GLY B 17 16.58 -3.20 -1.14
CA GLY B 17 17.37 -3.31 0.09
C GLY B 17 17.14 -2.21 1.06
N LYS B 18 16.32 -1.20 0.68
CA LYS B 18 16.17 0.01 1.50
C LYS B 18 14.69 0.22 1.73
N ARG B 19 14.33 0.51 2.92
CA ARG B 19 12.97 0.86 3.27
C ARG B 19 12.74 2.31 2.91
N MET B 20 11.74 2.58 2.09
CA MET B 20 11.34 3.90 1.68
C MET B 20 10.02 4.26 2.29
N ALA B 21 9.91 5.52 2.68
CA ALA B 21 8.71 6.05 3.31
C ALA B 21 7.90 6.96 2.34
N TYR B 22 6.59 6.92 2.47
CA TYR B 22 5.75 7.71 1.62
C TYR B 22 4.40 7.91 2.27
N ILE B 23 3.69 8.89 1.76
CA ILE B 23 2.27 9.14 2.06
C ILE B 23 1.47 8.60 0.86
N ASP B 24 0.37 7.97 1.15
CA ASP B 24 -0.56 7.51 0.15
C ASP B 24 -1.93 7.55 0.79
N GLU B 25 -2.76 8.49 0.31
CA GLU B 25 -4.10 8.71 0.94
C GLU B 25 -5.10 8.91 -0.19
N GLY B 26 -6.32 8.50 0.04
N GLY B 26 -6.24 8.28 -0.06
CA GLY B 26 -7.36 8.71 -0.92
CA GLY B 26 -7.31 8.51 -0.95
C GLY B 26 -7.43 7.63 -1.96
C GLY B 26 -7.28 7.63 -2.14
N LYS B 27 -8.24 7.84 -3.00
CA LYS B 27 -8.44 6.84 -4.06
C LYS B 27 -8.62 7.60 -5.40
N GLY B 28 -8.29 6.91 -6.47
CA GLY B 28 -8.47 7.40 -7.82
C GLY B 28 -7.15 7.62 -8.52
N ASP B 29 -7.23 8.42 -9.56
CA ASP B 29 -6.07 8.73 -10.31
C ASP B 29 -5.05 9.50 -9.46
N ALA B 30 -3.79 9.19 -9.68
CA ALA B 30 -2.76 9.62 -8.77
C ALA B 30 -2.43 11.10 -8.98
N ILE B 31 -2.19 11.78 -7.86
CA ILE B 31 -1.61 13.11 -7.82
C ILE B 31 -0.32 12.94 -6.94
N VAL B 32 0.82 13.09 -7.57
CA VAL B 32 2.11 12.67 -7.04
C VAL B 32 2.91 13.92 -6.76
N PHE B 33 3.28 14.11 -5.51
CA PHE B 33 3.98 15.29 -5.03
C PHE B 33 5.43 14.93 -4.74
N GLN B 34 6.39 15.58 -5.33
CA GLN B 34 7.83 15.18 -5.17
C GLN B 34 8.63 16.35 -4.70
N HIS B 35 9.15 16.26 -3.49
CA HIS B 35 10.07 17.24 -2.88
C HIS B 35 11.48 17.07 -3.43
N GLY B 36 12.30 18.08 -3.08
CA GLY B 36 13.74 18.11 -3.34
C GLY B 36 14.59 18.29 -2.11
N ASN B 37 15.65 19.03 -2.25
CA ASN B 37 16.67 19.14 -1.21
C ASN B 37 16.49 20.41 -0.36
N PRO B 38 16.57 20.35 0.97
CA PRO B 38 16.77 19.21 1.87
C PRO B 38 15.50 18.88 2.59
N THR B 39 14.42 18.71 1.87
CA THR B 39 13.10 18.56 2.43
C THR B 39 12.64 17.12 2.34
N SER B 40 11.33 16.89 2.47
CA SER B 40 10.71 15.57 2.47
C SER B 40 9.26 15.77 2.06
N SER B 41 8.47 14.73 2.16
CA SER B 41 7.02 14.87 1.97
C SER B 41 6.41 15.92 2.89
N TYR B 42 7.04 16.22 4.03
CA TYR B 42 6.58 17.26 4.92
C TYR B 42 6.33 18.60 4.21
N LEU B 43 7.15 18.87 3.20
CA LEU B 43 6.99 20.07 2.43
C LEU B 43 5.59 20.32 1.86
N TRP B 44 4.86 19.24 1.61
CA TRP B 44 3.58 19.32 0.97
C TRP B 44 2.42 19.28 1.92
N ARG B 45 2.66 19.26 3.24
CA ARG B 45 1.62 19.02 4.22
C ARG B 45 0.46 19.99 4.14
N ASN B 46 0.72 21.25 3.78
CA ASN B 46 -0.35 22.24 3.77
C ASN B 46 -0.89 22.51 2.34
N ILE B 47 -0.36 21.78 1.35
CA ILE B 47 -0.86 21.76 0.01
C ILE B 47 -1.77 20.58 -0.29
N MET B 48 -1.36 19.40 0.14
CA MET B 48 -2.14 18.22 -0.10
C MET B 48 -3.59 18.30 0.35
N PRO B 49 -3.91 18.95 1.46
CA PRO B 49 -5.37 19.06 1.87
C PRO B 49 -6.24 19.65 0.76
N HIS B 50 -5.72 20.52 -0.10
CA HIS B 50 -6.52 21.17 -1.11
C HIS B 50 -6.82 20.19 -2.23
N LEU B 51 -6.10 19.06 -2.30
CA LEU B 51 -6.34 18.07 -3.30
C LEU B 51 -7.14 16.89 -2.74
N GLU B 52 -7.51 16.91 -1.46
CA GLU B 52 -8.22 15.81 -0.85
C GLU B 52 -9.54 15.65 -1.54
N GLY B 53 -9.79 14.43 -2.02
CA GLY B 53 -11.00 14.07 -2.74
C GLY B 53 -10.80 14.16 -4.19
N LEU B 54 -9.70 14.73 -4.68
CA LEU B 54 -9.47 14.77 -6.13
C LEU B 54 -8.66 13.64 -6.72
N GLY B 55 -8.15 12.79 -5.88
CA GLY B 55 -7.36 11.68 -6.37
C GLY B 55 -6.65 10.99 -5.23
N ARG B 56 -5.87 10.00 -5.61
CA ARG B 56 -4.97 9.26 -4.72
C ARG B 56 -3.72 10.16 -4.56
N LEU B 57 -3.49 10.65 -3.37
CA LEU B 57 -2.40 11.59 -3.13
C LEU B 57 -1.19 10.84 -2.59
N VAL B 58 -0.11 10.97 -3.34
CA VAL B 58 1.09 10.22 -3.05
C VAL B 58 2.22 11.23 -2.91
N ALA B 59 3.01 11.08 -1.86
CA ALA B 59 4.16 11.92 -1.64
C ALA B 59 5.28 11.08 -1.02
N CYS B 60 6.31 10.81 -1.79
CA CYS B 60 7.42 9.93 -1.38
C CYS B 60 8.57 10.69 -0.80
N ASP B 61 9.24 10.08 0.18
CA ASP B 61 10.49 10.63 0.70
C ASP B 61 11.63 10.04 -0.07
N LEU B 62 12.47 10.84 -0.69
CA LEU B 62 13.62 10.37 -1.43
C LEU B 62 14.54 9.54 -0.54
N ILE B 63 15.30 8.63 -1.12
CA ILE B 63 16.27 7.84 -0.38
C ILE B 63 17.17 8.76 0.43
N GLY B 64 17.46 8.40 1.69
CA GLY B 64 18.24 9.21 2.57
C GLY B 64 17.61 10.39 3.19
N MET B 65 16.34 10.62 2.86
CA MET B 65 15.66 11.82 3.24
C MET B 65 14.37 11.46 3.92
N GLY B 66 13.78 12.43 4.66
CA GLY B 66 12.55 12.15 5.36
C GLY B 66 12.67 10.92 6.23
N ALA B 67 11.67 10.05 6.16
CA ALA B 67 11.67 8.79 6.92
C ALA B 67 12.19 7.61 6.09
N SER B 68 12.81 7.86 4.92
CA SER B 68 13.37 6.78 4.14
C SER B 68 14.78 6.42 4.65
N ASP B 69 15.20 5.22 4.41
CA ASP B 69 16.48 4.73 4.92
C ASP B 69 17.62 5.50 4.32
N LYS B 70 18.72 5.51 5.10
CA LYS B 70 20.00 5.96 4.64
C LYS B 70 20.68 4.81 3.84
N LEU B 71 21.39 5.21 2.82
CA LEU B 71 22.33 4.35 2.14
C LEU B 71 23.56 4.12 3.03
N SER B 72 24.09 2.93 3.05
CA SER B 72 25.29 2.66 3.95
C SER B 72 26.11 1.58 3.36
N PRO B 73 27.46 1.73 3.42
CA PRO B 73 28.16 2.92 3.92
C PRO B 73 27.97 4.01 2.86
N SER B 74 27.91 5.17 3.38
CA SER B 74 27.67 6.32 2.60
C SER B 74 28.99 6.99 2.39
N GLY B 75 29.04 7.81 1.39
CA GLY B 75 30.19 8.57 1.00
C GLY B 75 29.91 9.40 -0.20
N PRO B 76 30.95 9.97 -0.77
CA PRO B 76 30.80 10.93 -1.86
C PRO B 76 30.30 10.35 -3.20
N ASP B 77 30.36 9.03 -3.38
CA ASP B 77 29.87 8.33 -4.54
C ASP B 77 28.42 7.98 -4.40
N ARG B 78 27.78 8.24 -3.28
CA ARG B 78 26.38 7.87 -3.04
C ARG B 78 25.43 9.06 -3.24
N TYR B 79 24.17 8.71 -3.51
CA TYR B 79 23.10 9.69 -3.67
C TYR B 79 23.24 10.56 -4.86
N SER B 80 23.91 10.13 -5.88
CA SER B 80 23.87 10.79 -7.21
C SER B 80 22.46 10.85 -7.74
N TYR B 81 22.23 11.70 -8.72
CA TYR B 81 20.93 11.77 -9.36
C TYR B 81 20.54 10.38 -9.81
N GLY B 82 21.44 9.65 -10.45
CA GLY B 82 21.10 8.33 -10.97
C GLY B 82 20.65 7.36 -9.89
N GLU B 83 21.33 7.39 -8.76
CA GLU B 83 20.95 6.53 -7.63
C GLU B 83 19.61 6.94 -7.04
N GLN B 84 19.41 8.23 -6.85
CA GLN B 84 18.11 8.73 -6.40
C GLN B 84 17.00 8.24 -7.34
N ARG B 85 17.25 8.39 -8.63
CA ARG B 85 16.26 7.98 -9.63
C ARG B 85 16.03 6.49 -9.56
N ASP B 86 17.06 5.69 -9.38
CA ASP B 86 16.89 4.23 -9.33
C ASP B 86 15.88 3.84 -8.23
N PHE B 87 16.04 4.43 -7.02
CA PHE B 87 15.14 4.11 -5.94
C PHE B 87 13.76 4.68 -6.16
N LEU B 88 13.68 5.97 -6.49
CA LEU B 88 12.38 6.60 -6.64
C LEU B 88 11.57 5.93 -7.75
N PHE B 89 12.17 5.72 -8.91
CA PHE B 89 11.40 5.13 -9.99
C PHE B 89 10.88 3.75 -9.64
N ALA B 90 11.69 3.00 -8.90
CA ALA B 90 11.29 1.66 -8.48
C ALA B 90 10.13 1.74 -7.46
N LEU B 91 10.14 2.75 -6.59
CA LEU B 91 9.05 2.92 -5.66
C LEU B 91 7.76 3.31 -6.41
N TRP B 92 7.87 4.30 -7.31
CA TRP B 92 6.70 4.71 -8.12
C TRP B 92 6.13 3.54 -8.90
N ASP B 93 6.96 2.66 -9.43
CA ASP B 93 6.49 1.48 -10.13
C ASP B 93 5.75 0.57 -9.20
N ALA B 94 6.30 0.30 -8.02
CA ALA B 94 5.66 -0.54 -7.04
C ALA B 94 4.34 -0.02 -6.56
N LEU B 95 4.17 1.28 -6.49
CA LEU B 95 2.96 1.93 -6.04
C LEU B 95 1.76 1.86 -7.01
N ASP B 96 2.00 1.41 -8.23
CA ASP B 96 0.86 1.21 -9.16
C ASP B 96 0.01 2.48 -9.35
N LEU B 97 0.67 3.51 -9.86
CA LEU B 97 0.11 4.85 -9.93
C LEU B 97 -0.96 5.00 -11.00
N GLY B 98 -1.00 4.11 -11.97
CA GLY B 98 -2.01 4.24 -13.04
C GLY B 98 -1.52 5.06 -14.21
N ASP B 99 -2.46 5.41 -15.08
CA ASP B 99 -2.10 6.01 -16.39
C ASP B 99 -2.69 7.41 -16.60
N HIS B 100 -3.10 8.07 -15.54
CA HIS B 100 -3.67 9.42 -15.66
C HIS B 100 -3.09 10.32 -14.53
N VAL B 101 -1.77 10.27 -14.39
CA VAL B 101 -1.08 10.86 -13.26
C VAL B 101 -0.92 12.35 -13.44
N VAL B 102 -1.10 13.10 -12.39
CA VAL B 102 -0.73 14.52 -12.31
C VAL B 102 0.50 14.60 -11.35
N LEU B 103 1.55 15.15 -11.84
CA LEU B 103 2.78 15.39 -11.04
C LEU B 103 2.78 16.79 -10.48
N VAL B 104 3.24 16.91 -9.23
CA VAL B 104 3.35 18.23 -8.56
C VAL B 104 4.80 18.29 -8.04
N LEU B 105 5.64 19.14 -8.60
CA LEU B 105 7.08 18.99 -8.49
C LEU B 105 7.78 20.24 -8.02
N HIS B 106 8.89 20.02 -7.26
CA HIS B 106 9.73 21.11 -6.73
C HIS B 106 11.19 20.72 -6.82
N ASP B 107 12.12 21.63 -7.19
CA ASP B 107 13.60 21.43 -7.03
C ASP B 107 14.07 20.13 -7.64
N TRP B 108 14.86 19.30 -6.98
CA TRP B 108 15.26 17.99 -7.53
C TRP B 108 14.08 17.08 -7.80
N GLY B 109 12.98 17.25 -7.08
CA GLY B 109 11.81 16.52 -7.43
C GLY B 109 11.28 16.80 -8.79
N SER B 110 11.53 17.99 -9.29
CA SER B 110 11.20 18.29 -10.68
C SER B 110 12.06 17.66 -11.70
N ALA B 111 13.37 17.60 -11.46
CA ALA B 111 14.22 16.89 -12.36
C ALA B 111 13.79 15.43 -12.42
N LEU B 112 13.58 14.78 -11.29
CA LEU B 112 13.16 13.40 -11.28
C LEU B 112 11.81 13.23 -11.94
N GLY B 113 10.84 14.09 -11.61
CA GLY B 113 9.50 13.97 -12.19
C GLY B 113 9.41 14.29 -13.69
N PHE B 114 10.15 15.29 -14.13
CA PHE B 114 10.17 15.63 -15.58
C PHE B 114 10.80 14.51 -16.34
N ASP B 115 11.85 13.94 -15.80
CA ASP B 115 12.52 12.76 -16.39
C ASP B 115 11.53 11.62 -16.46
N TRP B 116 10.88 11.31 -15.34
CA TRP B 116 9.89 10.23 -15.34
C TRP B 116 8.80 10.45 -16.38
N ALA B 117 8.23 11.63 -16.42
CA ALA B 117 7.17 11.98 -17.38
C ALA B 117 7.64 11.75 -18.77
N ASN B 118 8.85 12.23 -19.10
CA ASN B 118 9.40 12.12 -20.42
C ASN B 118 9.53 10.66 -20.81
N GLN B 119 9.84 9.80 -19.86
CA GLN B 119 9.94 8.36 -20.05
C GLN B 119 8.59 7.61 -20.00
N HIS B 120 7.52 8.25 -19.57
CA HIS B 120 6.17 7.67 -19.42
C HIS B 120 5.16 8.63 -19.89
N ARG B 121 5.33 9.14 -21.12
CA ARG B 121 4.51 10.26 -21.56
C ARG B 121 3.04 9.94 -21.59
N ASP B 122 2.71 8.68 -21.94
CA ASP B 122 1.35 8.22 -22.04
C ASP B 122 0.67 8.03 -20.73
N ARG B 123 1.41 8.19 -19.63
CA ARG B 123 0.80 7.99 -18.31
C ARG B 123 0.56 9.27 -17.51
N VAL B 124 1.03 10.39 -18.04
CA VAL B 124 1.00 11.66 -17.31
C VAL B 124 0.02 12.62 -17.99
N GLN B 125 -0.96 13.00 -17.20
CA GLN B 125 -2.07 13.85 -17.64
C GLN B 125 -1.74 15.35 -17.56
N GLY B 126 -0.85 15.73 -16.64
CA GLY B 126 -0.53 17.12 -16.40
C GLY B 126 0.56 17.28 -15.39
N ILE B 127 1.27 18.39 -15.39
CA ILE B 127 2.33 18.67 -14.44
C ILE B 127 2.22 20.05 -13.89
N ALA B 128 2.21 20.18 -12.55
CA ALA B 128 2.33 21.46 -11.87
C ALA B 128 3.72 21.52 -11.29
N PHE B 129 4.42 22.62 -11.45
CA PHE B 129 5.80 22.70 -10.99
C PHE B 129 6.09 24.10 -10.48
N MET B 130 7.12 24.17 -9.62
CA MET B 130 7.48 25.40 -8.97
C MET B 130 8.98 25.34 -8.62
N GLU B 131 9.72 26.42 -8.86
CA GLU B 131 11.11 26.50 -8.40
C GLU B 131 11.84 25.22 -8.78
N ALA B 132 11.77 24.92 -10.10
CA ALA B 132 12.13 23.67 -10.73
C ALA B 132 13.41 23.83 -11.52
N ILE B 133 14.02 22.66 -11.82
CA ILE B 133 15.21 22.55 -12.64
C ILE B 133 14.75 22.33 -14.06
N VAL B 134 14.86 23.33 -14.90
CA VAL B 134 14.25 23.34 -16.22
C VAL B 134 15.29 23.52 -17.35
N THR B 135 16.54 23.87 -17.05
CA THR B 135 17.53 24.12 -18.07
C THR B 135 18.91 24.08 -17.39
N PRO B 136 19.96 23.73 -18.10
CA PRO B 136 21.30 23.95 -17.60
C PRO B 136 21.52 25.45 -17.32
N MET B 137 22.30 25.73 -16.29
CA MET B 137 22.46 27.03 -15.73
C MET B 137 23.90 27.49 -15.81
N THR B 138 24.04 28.81 -15.61
CA THR B 138 25.35 29.38 -15.29
C THR B 138 25.25 30.02 -13.92
N TRP B 139 26.36 30.49 -13.36
CA TRP B 139 26.30 31.10 -12.06
C TRP B 139 25.47 32.38 -12.03
N ALA B 140 25.36 33.05 -13.18
CA ALA B 140 24.58 34.29 -13.27
C ALA B 140 23.10 33.99 -13.07
N ASP B 141 22.67 32.75 -13.35
CA ASP B 141 21.28 32.31 -13.12
C ASP B 141 21.00 32.07 -11.69
N TRP B 142 22.06 31.80 -10.89
CA TRP B 142 21.88 31.39 -9.54
C TRP B 142 21.73 32.59 -8.63
N PRO B 143 20.87 32.52 -7.61
CA PRO B 143 20.63 33.68 -6.78
C PRO B 143 21.90 34.18 -6.10
N PRO B 144 22.13 35.46 -6.24
CA PRO B 144 23.35 36.03 -5.78
C PRO B 144 23.66 35.74 -4.32
N ALA B 145 22.65 35.65 -3.46
CA ALA B 145 22.85 35.49 -2.04
C ALA B 145 23.51 34.15 -1.74
N VAL B 146 23.36 33.13 -2.62
CA VAL B 146 23.81 31.80 -2.32
C VAL B 146 24.81 31.26 -3.31
N ARG B 147 25.43 32.12 -4.13
CA ARG B 147 26.53 31.62 -5.01
C ARG B 147 27.69 31.05 -4.24
N GLY B 148 28.16 31.74 -3.20
CA GLY B 148 29.33 31.30 -2.46
C GLY B 148 29.05 29.97 -1.81
N VAL B 149 27.88 29.83 -1.13
CA VAL B 149 27.54 28.62 -0.43
C VAL B 149 27.48 27.42 -1.38
N PHE B 150 26.82 27.59 -2.52
CA PHE B 150 26.74 26.47 -3.46
C PHE B 150 28.06 26.16 -4.12
N GLN B 151 28.90 27.19 -4.43
CA GLN B 151 30.25 26.90 -4.84
C GLN B 151 31.01 26.09 -3.78
N GLY B 152 30.81 26.43 -2.49
CA GLY B 152 31.41 25.68 -1.40
C GLY B 152 30.96 24.26 -1.39
N PHE B 153 29.65 24.01 -1.51
CA PHE B 153 29.18 22.63 -1.56
C PHE B 153 29.81 21.83 -2.65
N ARG B 154 30.04 22.49 -3.80
CA ARG B 154 30.59 21.85 -4.97
C ARG B 154 32.13 21.91 -4.93
N SER B 155 32.68 21.75 -3.80
CA SER B 155 34.14 21.68 -3.55
C SER B 155 34.33 20.77 -2.35
N PRO B 156 35.58 20.38 -2.05
CA PRO B 156 35.81 19.59 -0.88
C PRO B 156 35.41 20.22 0.46
N GLN B 157 35.20 21.52 0.50
CA GLN B 157 34.66 22.12 1.75
C GLN B 157 33.22 21.71 1.94
N GLY B 158 32.58 21.12 0.95
CA GLY B 158 31.18 20.69 1.14
C GLY B 158 31.00 19.67 2.21
N GLU B 159 32.02 18.80 2.42
CA GLU B 159 31.89 17.80 3.48
C GLU B 159 31.70 18.46 4.85
N PRO B 160 32.66 19.32 5.29
CA PRO B 160 32.35 19.94 6.59
C PRO B 160 31.05 20.81 6.58
N MET B 161 30.79 21.50 5.49
CA MET B 161 29.61 22.34 5.45
C MET B 161 28.35 21.56 5.71
N ALA B 162 28.20 20.45 5.02
CA ALA B 162 26.98 19.65 5.12
C ALA B 162 27.07 18.64 6.25
N LEU B 163 28.11 17.83 6.28
CA LEU B 163 28.16 16.70 7.23
C LEU B 163 28.37 17.17 8.64
N GLU B 164 29.24 18.15 8.85
CA GLU B 164 29.53 18.63 10.19
C GLU B 164 28.61 19.78 10.64
N HIS B 165 28.40 20.77 9.77
CA HIS B 165 27.66 21.96 10.08
C HIS B 165 26.22 21.97 9.64
N ASN B 166 25.81 20.99 8.82
CA ASN B 166 24.43 20.90 8.40
C ASN B 166 23.88 22.17 7.75
N ILE B 167 24.73 22.83 6.94
CA ILE B 167 24.36 24.16 6.48
C ILE B 167 23.16 24.17 5.53
N PHE B 168 22.94 23.10 4.77
CA PHE B 168 21.79 23.15 3.89
C PHE B 168 20.51 23.25 4.68
N VAL B 169 20.35 22.49 5.75
CA VAL B 169 19.21 22.45 6.58
C VAL B 169 19.12 23.70 7.46
N GLU B 170 20.24 24.08 8.13
CA GLU B 170 20.23 25.13 9.11
C GLU B 170 20.22 26.55 8.52
N ARG B 171 20.85 26.73 7.34
CA ARG B 171 21.03 28.04 6.79
C ARG B 171 20.30 28.18 5.49
N VAL B 172 20.49 27.33 4.53
CA VAL B 172 19.93 27.55 3.18
C VAL B 172 18.41 27.44 3.22
N LEU B 173 17.86 26.45 3.90
CA LEU B 173 16.42 26.24 3.97
C LEU B 173 15.72 27.45 4.55
N PRO B 174 16.04 27.92 5.78
CA PRO B 174 15.32 29.11 6.28
C PRO B 174 15.64 30.37 5.53
N GLY B 175 16.83 30.47 4.93
CA GLY B 175 17.17 31.63 4.19
C GLY B 175 16.36 31.80 2.93
N ALA B 176 15.75 30.73 2.44
CA ALA B 176 14.97 30.80 1.21
C ALA B 176 13.46 30.64 1.42
N ILE B 177 13.03 31.06 2.58
CA ILE B 177 11.64 31.19 2.98
C ILE B 177 11.50 32.64 3.46
N LEU B 178 10.43 33.35 3.04
CA LEU B 178 10.18 34.72 3.50
C LEU B 178 9.76 34.79 4.94
N ARG B 179 8.83 33.94 5.35
CA ARG B 179 8.39 33.90 6.73
C ARG B 179 9.42 33.16 7.56
N GLN B 180 9.25 33.30 8.87
CA GLN B 180 10.07 32.51 9.81
C GLN B 180 9.28 31.24 10.19
N LEU B 181 9.89 30.08 9.99
CA LEU B 181 9.29 28.84 10.43
C LEU B 181 9.17 28.80 11.96
N SER B 182 8.12 28.17 12.44
CA SER B 182 8.05 27.85 13.86
C SER B 182 9.18 26.86 14.19
N ASP B 183 9.56 26.82 15.49
CA ASP B 183 10.44 25.80 15.96
C ASP B 183 9.97 24.43 15.62
N GLU B 184 8.69 24.15 15.81
CA GLU B 184 8.20 22.82 15.52
C GLU B 184 8.43 22.45 14.01
N GLU B 185 8.09 23.36 13.11
CA GLU B 185 8.32 23.11 11.68
C GLU B 185 9.77 22.89 11.34
N MET B 186 10.61 23.73 11.91
CA MET B 186 12.00 23.62 11.69
C MET B 186 12.51 22.28 12.21
N ASN B 187 12.01 21.82 13.33
CA ASN B 187 12.43 20.54 13.85
C ASN B 187 11.96 19.33 13.07
N HIS B 188 10.83 19.41 12.35
CA HIS B 188 10.47 18.41 11.41
C HIS B 188 11.51 18.34 10.30
N TYR B 189 11.97 19.47 9.74
CA TYR B 189 12.95 19.43 8.70
C TYR B 189 14.29 18.94 9.19
N ARG B 190 14.68 19.21 10.43
CA ARG B 190 15.91 18.75 10.97
C ARG B 190 15.89 17.22 11.21
N ARG B 191 14.72 16.62 11.46
CA ARG B 191 14.64 15.25 11.95
C ARG B 191 15.52 14.23 11.26
N PRO B 192 15.55 14.20 9.90
CA PRO B 192 16.33 13.18 9.19
C PRO B 192 17.84 13.38 9.33
N PHE B 193 18.21 14.51 9.89
CA PHE B 193 19.61 15.02 9.78
C PHE B 193 20.20 15.37 11.13
N VAL B 194 19.53 14.97 12.22
CA VAL B 194 20.02 15.35 13.53
C VAL B 194 21.41 14.82 13.82
N ASN B 195 21.76 13.66 13.31
CA ASN B 195 23.11 13.11 13.57
C ASN B 195 24.13 13.71 12.65
N GLY B 196 25.31 14.07 13.13
CA GLY B 196 26.43 14.48 12.31
C GLY B 196 26.93 13.40 11.43
N GLY B 197 27.56 13.73 10.33
CA GLY B 197 28.19 12.74 9.50
C GLY B 197 27.34 12.39 8.29
N GLU B 198 27.42 11.14 7.91
CA GLU B 198 26.86 10.67 6.66
C GLU B 198 25.37 10.71 6.53
N ASP B 199 24.65 10.79 7.63
CA ASP B 199 23.22 10.97 7.56
C ASP B 199 22.84 12.21 6.73
N ARG B 200 23.73 13.19 6.65
CA ARG B 200 23.52 14.42 5.89
C ARG B 200 24.06 14.38 4.45
N ARG B 201 24.58 13.25 3.99
CA ARG B 201 25.17 13.11 2.67
C ARG B 201 24.21 13.55 1.55
N PRO B 202 22.90 13.20 1.57
CA PRO B 202 22.07 13.60 0.41
C PRO B 202 22.02 15.11 0.24
N THR B 203 22.12 15.84 1.35
CA THR B 203 22.02 17.28 1.31
C THR B 203 23.25 17.90 0.57
N LEU B 204 24.36 17.12 0.49
CA LEU B 204 25.57 17.49 -0.20
C LEU B 204 25.67 16.97 -1.62
N SER B 205 25.26 15.73 -1.78
CA SER B 205 25.26 15.16 -3.11
C SER B 205 24.33 15.90 -4.07
N TRP B 206 23.19 16.36 -3.57
CA TRP B 206 22.25 17.08 -4.46
C TRP B 206 22.86 18.33 -5.12
N PRO B 207 23.49 19.23 -4.33
CA PRO B 207 24.03 20.45 -4.97
C PRO B 207 25.17 20.12 -5.92
N ARG B 208 25.91 19.07 -5.66
CA ARG B 208 26.96 18.62 -6.58
C ARG B 208 26.41 18.07 -7.89
N ASN B 209 25.12 17.81 -8.00
CA ASN B 209 24.48 17.36 -9.26
C ASN B 209 23.87 18.52 -10.05
N LEU B 210 23.80 19.75 -9.49
CA LEU B 210 23.14 20.82 -10.23
C LEU B 210 23.93 21.04 -11.52
N PRO B 211 23.19 21.31 -12.61
CA PRO B 211 23.82 21.50 -13.89
C PRO B 211 24.22 22.96 -14.04
N ILE B 212 25.49 23.28 -13.72
CA ILE B 212 25.96 24.63 -13.70
C ILE B 212 27.28 24.67 -14.44
N ASP B 213 27.37 25.59 -15.38
CA ASP B 213 28.58 25.76 -16.27
C ASP B 213 29.05 24.46 -16.83
N GLY B 214 28.10 23.64 -17.28
CA GLY B 214 28.35 22.44 -17.95
C GLY B 214 28.64 21.22 -17.20
N GLU B 215 28.63 21.35 -15.87
CA GLU B 215 29.01 20.22 -15.02
C GLU B 215 27.92 19.97 -13.98
N PRO B 216 27.64 18.67 -13.65
CA PRO B 216 28.17 17.47 -14.29
C PRO B 216 27.53 17.26 -15.64
N ALA B 217 28.35 16.81 -16.58
CA ALA B 217 27.89 16.72 -18.00
C ALA B 217 26.75 15.78 -18.13
N GLU B 218 26.61 14.72 -17.35
CA GLU B 218 25.51 13.78 -17.43
C GLU B 218 24.18 14.40 -17.06
N VAL B 219 24.21 15.26 -16.07
CA VAL B 219 22.98 15.92 -15.67
C VAL B 219 22.59 17.01 -16.64
N VAL B 220 23.56 17.73 -17.17
CA VAL B 220 23.29 18.71 -18.24
C VAL B 220 22.59 17.97 -19.40
N ALA B 221 23.06 16.80 -19.80
CA ALA B 221 22.47 16.08 -20.91
C ALA B 221 21.07 15.63 -20.60
N LEU B 222 20.80 15.21 -19.38
CA LEU B 222 19.46 14.76 -18.99
C LEU B 222 18.47 15.91 -19.01
N VAL B 223 18.89 17.05 -18.46
CA VAL B 223 18.02 18.21 -18.44
C VAL B 223 17.73 18.68 -19.85
N ASN B 224 18.74 18.74 -20.70
CA ASN B 224 18.54 19.09 -22.14
C ASN B 224 17.52 18.16 -22.79
N GLU B 225 17.59 16.88 -22.48
CA GLU B 225 16.60 15.93 -23.04
C GLU B 225 15.19 16.17 -22.58
N TYR B 226 14.96 16.25 -21.25
CA TYR B 226 13.57 16.45 -20.84
C TYR B 226 13.03 17.77 -21.18
N ARG B 227 13.87 18.81 -21.18
CA ARG B 227 13.35 20.18 -21.46
C ARG B 227 12.94 20.32 -22.93
N SER B 228 13.60 19.59 -23.78
CA SER B 228 13.19 19.57 -25.22
C SER B 228 11.79 19.02 -25.35
N TRP B 229 11.46 17.99 -24.58
CA TRP B 229 10.08 17.45 -24.51
C TRP B 229 9.13 18.50 -23.93
N LEU B 230 9.47 19.09 -22.80
CA LEU B 230 8.59 20.12 -22.21
C LEU B 230 8.25 21.26 -23.14
N GLU B 231 9.25 21.68 -23.90
CA GLU B 231 9.05 22.77 -24.89
C GLU B 231 8.12 22.41 -25.94
N GLU B 232 7.97 21.13 -26.32
CA GLU B 232 7.21 20.74 -27.48
C GLU B 232 5.90 20.12 -27.14
N THR B 233 5.69 19.55 -25.96
CA THR B 233 4.54 18.76 -25.65
C THR B 233 3.30 19.62 -25.45
N ASP B 234 2.16 19.08 -25.89
CA ASP B 234 0.87 19.66 -25.59
C ASP B 234 0.28 19.24 -24.23
N MET B 235 1.04 18.47 -23.44
CA MET B 235 0.55 18.14 -22.10
C MET B 235 0.29 19.41 -21.31
N PRO B 236 -0.83 19.48 -20.60
CA PRO B 236 -1.06 20.66 -19.85
C PRO B 236 -0.10 20.84 -18.69
N LYS B 237 0.22 22.11 -18.41
CA LYS B 237 1.18 22.47 -17.40
C LYS B 237 0.67 23.62 -16.55
N LEU B 238 0.99 23.59 -15.24
CA LEU B 238 0.78 24.73 -14.41
C LEU B 238 2.10 25.17 -13.82
N PHE B 239 2.46 26.34 -14.16
CA PHE B 239 3.67 27.03 -13.65
C PHE B 239 3.32 27.89 -12.46
N ILE B 240 3.83 27.47 -11.30
CA ILE B 240 3.75 28.24 -10.08
C ILE B 240 5.00 29.06 -9.96
N ASN B 241 4.87 30.34 -10.29
CA ASN B 241 5.96 31.30 -10.26
C ASN B 241 6.05 31.94 -8.90
N ALA B 242 7.28 32.05 -8.38
CA ALA B 242 7.55 32.67 -7.08
C ALA B 242 8.12 34.05 -7.30
N GLU B 243 7.66 34.99 -6.47
CA GLU B 243 8.16 36.35 -6.44
C GLU B 243 8.74 36.68 -5.06
N PRO B 244 10.04 36.95 -4.95
CA PRO B 244 10.98 37.10 -6.07
C PRO B 244 11.50 35.83 -6.71
N GLY B 245 11.28 34.71 -6.09
CA GLY B 245 11.79 33.45 -6.62
C GLY B 245 13.30 33.29 -6.42
N ALA B 246 13.84 32.23 -6.95
CA ALA B 246 15.27 31.93 -6.71
C ALA B 246 15.87 31.25 -7.93
N ILE B 247 15.45 30.03 -8.28
CA ILE B 247 16.03 29.37 -9.45
C ILE B 247 15.25 29.59 -10.71
N ILE B 248 13.97 30.00 -10.63
CA ILE B 248 13.20 30.36 -11.83
C ILE B 248 12.94 31.88 -11.74
N THR B 249 13.90 32.64 -12.29
CA THR B 249 13.85 34.08 -12.29
C THR B 249 14.48 34.54 -13.63
N GLY B 250 14.32 35.83 -13.95
CA GLY B 250 15.12 36.35 -15.05
C GLY B 250 14.92 35.59 -16.32
N ARG B 251 16.00 35.26 -17.01
CA ARG B 251 15.91 34.61 -18.33
C ARG B 251 15.30 33.20 -18.22
N ILE B 252 15.49 32.50 -17.07
CA ILE B 252 14.86 31.21 -16.90
C ILE B 252 13.34 31.33 -16.76
N ARG B 253 12.86 32.32 -16.06
CA ARG B 253 11.41 32.56 -16.01
C ARG B 253 10.86 32.89 -17.37
N ASP B 254 11.58 33.69 -18.16
CA ASP B 254 11.12 33.96 -19.53
C ASP B 254 11.07 32.70 -20.40
N TYR B 255 12.07 31.83 -20.24
CA TYR B 255 12.07 30.52 -20.90
C TYR B 255 10.84 29.70 -20.52
N VAL B 256 10.56 29.54 -19.25
CA VAL B 256 9.44 28.77 -18.82
C VAL B 256 8.14 29.29 -19.42
N ARG B 257 8.01 30.60 -19.45
CA ARG B 257 6.77 31.25 -19.95
C ARG B 257 6.56 30.93 -21.43
N SER B 258 7.61 30.53 -22.14
CA SER B 258 7.52 30.18 -23.56
C SER B 258 6.95 28.75 -23.82
N TRP B 259 6.70 27.96 -22.77
CA TRP B 259 6.24 26.60 -22.95
C TRP B 259 4.76 26.60 -23.34
N PRO B 260 4.36 25.55 -24.11
CA PRO B 260 2.96 25.47 -24.55
C PRO B 260 1.99 24.92 -23.53
N ASN B 261 0.71 25.23 -23.74
CA ASN B 261 -0.38 24.67 -22.97
C ASN B 261 -0.19 24.85 -21.49
N GLN B 262 0.17 26.07 -21.10
CA GLN B 262 0.55 26.36 -19.69
C GLN B 262 -0.27 27.48 -19.11
N THR B 263 -0.75 27.25 -17.90
CA THR B 263 -1.29 28.27 -17.10
C THR B 263 -0.36 28.65 -15.98
N GLU B 264 -0.51 29.79 -15.34
CA GLU B 264 0.44 30.30 -14.39
C GLU B 264 -0.29 30.99 -13.25
N ILE B 265 0.24 30.87 -12.06
CA ILE B 265 -0.01 31.74 -10.92
C ILE B 265 1.30 32.25 -10.39
N THR B 266 1.32 33.47 -9.88
CA THR B 266 2.48 34.02 -9.15
C THR B 266 2.12 34.17 -7.72
N VAL B 267 3.01 33.66 -6.87
CA VAL B 267 2.81 33.79 -5.42
C VAL B 267 4.08 34.24 -4.77
N PRO B 268 3.99 34.86 -3.58
CA PRO B 268 5.18 35.21 -2.85
C PRO B 268 6.04 34.01 -2.46
N GLY B 269 7.38 34.10 -2.63
CA GLY B 269 8.26 33.10 -2.15
C GLY B 269 9.62 33.33 -2.73
N VAL B 270 10.57 32.59 -2.16
CA VAL B 270 11.96 32.61 -2.65
C VAL B 270 12.18 31.26 -3.27
N HIS B 271 12.61 30.20 -2.55
CA HIS B 271 12.78 28.88 -3.12
C HIS B 271 11.70 27.94 -2.59
N PHE B 272 11.58 27.81 -1.28
CA PHE B 272 10.64 26.90 -0.62
C PHE B 272 9.30 27.57 -0.52
N VAL B 273 8.67 27.78 -1.68
CA VAL B 273 7.47 28.58 -1.85
C VAL B 273 6.27 28.00 -1.12
N GLN B 274 6.29 26.69 -0.93
CA GLN B 274 5.25 25.99 -0.18
C GLN B 274 5.12 26.49 1.23
N GLU B 275 6.22 27.01 1.78
CA GLU B 275 6.22 27.54 3.14
C GLU B 275 5.73 28.94 3.23
N ASP B 276 5.59 29.68 2.13
CA ASP B 276 5.09 31.04 2.15
C ASP B 276 3.66 31.14 1.64
N SER B 277 3.30 30.37 0.62
CA SER B 277 2.03 30.51 -0.05
C SER B 277 1.29 29.18 -0.26
N PRO B 278 1.15 28.32 0.80
CA PRO B 278 0.53 27.04 0.57
C PRO B 278 -0.92 27.08 0.11
N GLU B 279 -1.71 27.95 0.68
CA GLU B 279 -3.12 27.97 0.36
C GLU B 279 -3.33 28.41 -1.09
N GLU B 280 -2.58 29.40 -1.51
CA GLU B 280 -2.71 29.88 -2.90
C GLU B 280 -2.28 28.77 -3.90
N ILE B 281 -1.18 28.09 -3.58
CA ILE B 281 -0.66 27.01 -4.38
C ILE B 281 -1.67 25.89 -4.44
N GLY B 282 -2.14 25.40 -3.28
CA GLY B 282 -3.03 24.28 -3.25
C GLY B 282 -4.32 24.57 -4.06
N ALA B 283 -4.90 25.75 -3.89
CA ALA B 283 -6.13 26.12 -4.60
C ALA B 283 -5.86 26.10 -6.11
N ALA B 284 -4.71 26.59 -6.56
CA ALA B 284 -4.35 26.63 -7.95
C ALA B 284 -4.23 25.25 -8.53
N ILE B 285 -3.55 24.34 -7.80
CA ILE B 285 -3.39 22.97 -8.26
C ILE B 285 -4.75 22.28 -8.42
N ALA B 286 -5.60 22.46 -7.43
CA ALA B 286 -6.96 21.89 -7.48
C ALA B 286 -7.73 22.34 -8.72
N GLN B 287 -7.66 23.64 -9.02
CA GLN B 287 -8.37 24.18 -10.18
C GLN B 287 -7.86 23.60 -11.44
N PHE B 288 -6.50 23.50 -11.52
CA PHE B 288 -5.82 22.89 -12.66
C PHE B 288 -6.24 21.44 -12.86
N VAL B 289 -6.20 20.63 -11.80
CA VAL B 289 -6.59 19.24 -11.88
C VAL B 289 -8.04 19.06 -12.36
N ARG B 290 -8.94 19.82 -11.76
CA ARG B 290 -10.34 19.68 -12.22
C ARG B 290 -10.49 20.04 -13.64
N ARG B 291 -9.91 21.10 -14.10
CA ARG B 291 -10.04 21.50 -15.46
C ARG B 291 -9.45 20.58 -16.50
N LEU B 292 -8.22 20.11 -16.18
CA LEU B 292 -7.41 19.41 -17.26
C LEU B 292 -8.11 18.08 -17.47
N ARG B 293 -8.71 17.53 -16.43
CA ARG B 293 -9.43 16.29 -16.61
C ARG B 293 -10.71 16.43 -17.42
N SER B 294 -11.48 17.52 -17.17
CA SER B 294 -12.69 17.77 -17.93
C SER B 294 -12.26 17.94 -19.40
N ALA B 295 -11.16 18.60 -19.70
CA ALA B 295 -10.81 18.88 -21.09
C ALA B 295 -10.42 17.57 -21.83
N ALA B 296 -9.75 16.69 -21.09
CA ALA B 296 -9.21 15.49 -21.66
C ALA B 296 -10.33 14.45 -21.75
N GLY B 297 -11.40 14.64 -20.97
CA GLY B 297 -12.47 13.64 -20.91
C GLY B 297 -11.84 12.28 -20.79
CL CL C . -1.61 -15.88 7.14
C1 EDO D . -4.01 -8.44 8.82
C1 EDO D . -4.27 -7.96 7.37
O1 EDO D . -4.64 -7.49 7.96
O1 EDO D . -4.20 -6.85 8.32
C2 EDO D . -4.62 -9.79 8.46
C2 EDO D . -4.33 -9.30 8.12
O2 EDO D . -4.23 -10.19 7.10
O2 EDO D . -4.10 -10.48 7.28
CL CL E . 20.65 21.13 -4.28
C1 EDO F . 18.19 27.57 -2.97
C1 EDO F . 17.84 27.47 -2.23
O1 EDO F . 18.16 26.61 -4.04
O1 EDO F . 18.03 26.40 -3.20
C2 EDO F . 17.92 28.93 -3.60
C2 EDO F . 17.80 28.84 -2.89
O2 EDO F . 17.84 30.05 -2.74
O2 EDO F . 18.11 28.68 -4.29
#